data_5QIX
#
_entry.id   5QIX
#
_cell.length_a   47.554
_cell.length_b   58.334
_cell.length_c   50.333
_cell.angle_alpha   90.000
_cell.angle_beta   116.380
_cell.angle_gamma   90.000
#
_symmetry.space_group_name_H-M   'P 1 21 1'
#
loop_
_entity.id
_entity.type
_entity.pdbx_description
1 polymer 'Ubiquitin thioesterase OTUB2'
2 non-polymer N-(3-phenylprop-2-yn-1-yl)acetamide
3 non-polymer 1,2-ETHANEDIOL
4 non-polymer 'UNKNOWN LIGAND'
5 water water
#
_entity_poly.entity_id   1
_entity_poly.type   'polypeptide(L)'
_entity_poly.pdbx_seq_one_letter_code
;FNLISEKCDILSILRDHPENRIYRRKIEELSKRFTAIRKTKGDRNCFYRALGYSYLESLLGKSREIFKFKERVLQTPNDL
LAAGFEEHKFRNFFNAFYSVVELVEKDGSVSSLLKVFNDQSASDHIVQFLRLLTSAFIRNRADFFRHFIDEEMDIKDFCT
HEVEPMATECDHIQITALSQALSIALQVEYVDEMDTALNHHVFPEAATPSVYLLYKTSHYNILYA
;
_entity_poly.pdbx_strand_id   A
#
# COMPACT_ATOMS: atom_id res chain seq x y z
N PHE A 1 -7.76 16.90 1.95
CA PHE A 1 -6.86 15.97 1.20
C PHE A 1 -5.45 15.92 1.86
N ASN A 2 -5.40 15.94 3.19
CA ASN A 2 -4.16 15.96 3.90
C ASN A 2 -3.54 14.58 4.02
N LEU A 3 -4.28 13.48 3.78
CA LEU A 3 -3.60 12.14 3.86
C LEU A 3 -3.33 11.55 2.46
N ILE A 4 -4.25 11.73 1.51
CA ILE A 4 -4.11 11.25 0.12
C ILE A 4 -4.58 12.42 -0.75
N SER A 5 -3.69 12.93 -1.61
CA SER A 5 -3.97 14.19 -2.38
C SER A 5 -4.83 13.92 -3.61
N GLU A 6 -5.28 15.05 -4.19
CA GLU A 6 -5.76 15.08 -5.54
C GLU A 6 -4.71 14.59 -6.54
N LYS A 7 -5.15 14.15 -7.73
CA LYS A 7 -4.24 13.83 -8.83
C LYS A 7 -3.58 15.08 -9.38
N CYS A 8 -2.31 14.98 -9.68
CA CYS A 8 -1.49 16.01 -10.31
C CYS A 8 -0.69 15.42 -11.49
N ASP A 9 -0.30 16.29 -12.41
CA ASP A 9 0.57 15.92 -13.55
C ASP A 9 1.89 15.41 -12.99
N ILE A 10 2.47 14.39 -13.63
CA ILE A 10 3.71 13.74 -13.16
C ILE A 10 4.86 14.77 -13.06
N LEU A 11 4.95 15.74 -13.98
CA LEU A 11 6.09 16.70 -13.95
C LEU A 11 5.95 17.75 -12.83
N SER A 12 4.80 17.77 -12.16
CA SER A 12 4.61 18.67 -10.99
C SER A 12 5.59 18.38 -9.83
N ILE A 13 6.24 17.20 -9.83
CA ILE A 13 7.17 16.87 -8.76
C ILE A 13 8.62 17.29 -9.07
N LEU A 14 8.92 17.85 -10.26
CA LEU A 14 10.24 18.46 -10.52
C LEU A 14 10.57 19.49 -9.43
N ARG A 15 9.56 20.29 -9.04
CA ARG A 15 9.78 21.37 -8.08
C ARG A 15 10.21 20.87 -6.71
N ASP A 16 10.06 19.57 -6.42
CA ASP A 16 10.47 19.02 -5.10
C ASP A 16 12.00 18.85 -5.01
N HIS A 17 12.68 18.85 -6.18
CA HIS A 17 14.14 18.70 -6.26
C HIS A 17 14.82 19.61 -7.27
N PRO A 18 14.69 20.93 -7.13
CA PRO A 18 15.17 21.84 -8.17
C PRO A 18 16.69 21.79 -8.32
N GLU A 19 17.18 21.96 -9.57
CA GLU A 19 18.68 22.00 -9.79
C GLU A 19 19.40 20.72 -9.31
N ASN A 20 18.76 19.57 -9.46
CA ASN A 20 19.32 18.28 -9.12
C ASN A 20 19.27 17.42 -10.39
N ARG A 21 20.40 17.27 -11.06
CA ARG A 21 20.41 16.80 -12.44
C ARG A 21 19.85 15.36 -12.47
N ILE A 22 20.21 14.56 -11.44
CA ILE A 22 19.80 13.10 -11.46
C ILE A 22 18.28 12.96 -11.21
N TYR A 23 17.75 13.72 -10.23
CA TYR A 23 16.30 13.64 -10.00
C TYR A 23 15.52 14.13 -11.24
N ARG A 24 16.01 15.24 -11.82
CA ARG A 24 15.32 15.79 -13.00
C ARG A 24 15.27 14.74 -14.13
N ARG A 25 16.43 14.12 -14.39
CA ARG A 25 16.56 13.05 -15.45
C ARG A 25 15.55 11.94 -15.16
N LYS A 26 15.55 11.42 -13.93
CA LYS A 26 14.72 10.25 -13.64
C LYS A 26 13.22 10.61 -13.69
N ILE A 27 12.81 11.80 -13.17
CA ILE A 27 11.38 12.22 -13.28
C ILE A 27 10.96 12.40 -14.76
N GLU A 28 11.82 13.04 -15.56
CA GLU A 28 11.52 13.14 -16.99
C GLU A 28 11.30 11.76 -17.64
N GLU A 29 12.19 10.80 -17.32
CA GLU A 29 12.03 9.42 -17.80
CA GLU A 29 12.00 9.43 -17.86
C GLU A 29 10.71 8.80 -17.31
N LEU A 30 10.42 8.94 -16.03
CA LEU A 30 9.19 8.40 -15.42
C LEU A 30 7.94 8.94 -16.17
N SER A 31 7.99 10.21 -16.54
CA SER A 31 6.86 10.88 -17.23
C SER A 31 6.53 10.26 -18.60
N LYS A 32 7.49 9.52 -19.19
CA LYS A 32 7.24 8.83 -20.47
C LYS A 32 6.34 7.61 -20.33
N ARG A 33 6.26 7.03 -19.11
CA ARG A 33 5.49 5.82 -18.82
C ARG A 33 4.28 6.07 -17.94
N PHE A 34 4.27 7.19 -17.18
CA PHE A 34 3.19 7.51 -16.26
C PHE A 34 2.73 8.96 -16.50
N THR A 35 1.43 9.19 -16.33
CA THR A 35 0.75 10.47 -16.65
C THR A 35 0.49 11.30 -15.39
N ALA A 36 0.28 10.62 -14.26
CA ALA A 36 -0.27 11.35 -13.09
C ALA A 36 0.25 10.71 -11.80
N ILE A 37 0.20 11.51 -10.71
CA ILE A 37 0.64 11.05 -9.38
C ILE A 37 -0.31 11.57 -8.28
N ARG A 38 -0.53 10.79 -7.21
CA ARG A 38 -1.17 11.28 -6.00
C ARG A 38 -0.16 11.17 -4.85
N LYS A 39 -0.07 12.19 -4.01
CA LYS A 39 0.87 12.19 -2.86
C LYS A 39 0.18 11.69 -1.61
N THR A 40 0.97 11.04 -0.73
CA THR A 40 0.53 10.60 0.59
C THR A 40 1.26 11.39 1.69
N LYS A 41 0.61 11.52 2.84
CA LYS A 41 1.32 12.10 4.01
C LYS A 41 2.48 11.19 4.43
N GLY A 42 3.64 11.81 4.73
CA GLY A 42 4.81 11.10 5.19
C GLY A 42 4.87 10.92 6.70
N ASP A 43 4.00 10.07 7.24
CA ASP A 43 3.84 9.88 8.71
C ASP A 43 4.36 8.51 9.21
N ARG A 44 5.01 7.75 8.33
CA ARG A 44 5.46 6.38 8.64
C ARG A 44 4.45 5.32 8.25
N ASN A 45 3.21 5.74 7.84
CA ASN A 45 2.13 4.80 7.44
C ASN A 45 1.90 4.78 5.89
N CYS A 46 2.72 5.51 5.15
CA CYS A 46 2.44 5.82 3.74
C CYS A 46 2.29 4.56 2.90
N PHE A 47 3.07 3.47 3.13
CA PHE A 47 2.96 2.28 2.27
C PHE A 47 1.54 1.71 2.40
N TYR A 48 1.10 1.41 3.60
CA TYR A 48 -0.19 0.81 3.86
C TYR A 48 -1.35 1.70 3.33
N ARG A 49 -1.23 2.97 3.63
CA ARG A 49 -2.34 3.92 3.23
C ARG A 49 -2.38 3.97 1.70
N ALA A 50 -1.23 4.06 1.02
CA ALA A 50 -1.19 4.13 -0.46
C ALA A 50 -1.71 2.85 -1.09
N LEU A 51 -1.22 1.68 -0.62
CA LEU A 51 -1.64 0.42 -1.19
C LEU A 51 -3.17 0.22 -1.01
N GLY A 52 -3.68 0.43 0.19
CA GLY A 52 -5.09 0.32 0.35
C GLY A 52 -5.95 1.21 -0.56
N TYR A 53 -5.60 2.51 -0.59
CA TYR A 53 -6.43 3.42 -1.43
C TYR A 53 -6.30 3.02 -2.90
N SER A 54 -5.08 2.80 -3.40
CA SER A 54 -4.91 2.60 -4.83
CA SER A 54 -4.91 2.60 -4.84
C SER A 54 -5.57 1.29 -5.28
N TYR A 55 -5.41 0.23 -4.52
CA TYR A 55 -6.02 -1.06 -4.90
C TYR A 55 -7.55 -0.98 -4.90
N LEU A 56 -8.17 -0.39 -3.86
CA LEU A 56 -9.60 -0.32 -3.82
C LEU A 56 -10.09 0.60 -4.97
N GLU A 57 -9.36 1.68 -5.23
CA GLU A 57 -9.70 2.57 -6.41
C GLU A 57 -9.74 1.77 -7.73
N SER A 58 -8.79 0.85 -7.89
CA SER A 58 -8.66 0.07 -9.11
C SER A 58 -9.84 -0.90 -9.26
N LEU A 59 -10.54 -1.27 -8.19
CA LEU A 59 -11.70 -2.18 -8.24
C LEU A 59 -13.01 -1.50 -8.73
N LEU A 60 -13.07 -0.17 -8.61
CA LEU A 60 -14.38 0.55 -8.82
C LEU A 60 -15.02 0.12 -10.16
N GLY A 61 -16.27 -0.35 -10.07
CA GLY A 61 -17.13 -0.71 -11.25
C GLY A 61 -16.92 -2.12 -11.79
N LYS A 62 -16.03 -2.90 -11.16
CA LYS A 62 -15.66 -4.29 -11.59
C LYS A 62 -16.38 -5.30 -10.70
N SER A 63 -17.61 -5.71 -11.01
CA SER A 63 -18.44 -6.46 -10.08
C SER A 63 -17.84 -7.85 -9.74
N ARG A 64 -17.31 -8.66 -10.67
CA ARG A 64 -16.75 -9.99 -10.29
C ARG A 64 -15.48 -9.82 -9.45
N GLU A 65 -14.65 -8.85 -9.76
CA GLU A 65 -13.38 -8.64 -9.00
C GLU A 65 -13.74 -8.24 -7.57
N ILE A 66 -14.72 -7.32 -7.38
CA ILE A 66 -15.11 -6.87 -6.08
C ILE A 66 -15.65 -8.07 -5.28
N PHE A 67 -16.50 -8.92 -5.85
CA PHE A 67 -17.11 -10.11 -5.21
C PHE A 67 -15.97 -11.03 -4.71
N LYS A 68 -15.00 -11.30 -5.57
CA LYS A 68 -13.90 -12.26 -5.18
C LYS A 68 -13.08 -11.63 -4.06
N PHE A 69 -12.83 -10.32 -4.11
CA PHE A 69 -12.01 -9.66 -3.07
C PHE A 69 -12.74 -9.70 -1.72
N LYS A 70 -14.00 -9.35 -1.70
CA LYS A 70 -14.80 -9.40 -0.51
C LYS A 70 -14.81 -10.82 0.10
N GLU A 71 -14.90 -11.87 -0.72
CA GLU A 71 -14.87 -13.26 -0.24
C GLU A 71 -13.55 -13.49 0.53
N ARG A 72 -12.43 -12.99 0.01
CA ARG A 72 -11.09 -13.16 0.69
C ARG A 72 -11.10 -12.38 2.00
N VAL A 73 -11.55 -11.12 1.96
CA VAL A 73 -11.56 -10.27 3.19
C VAL A 73 -12.40 -10.91 4.29
N LEU A 74 -13.54 -11.53 3.98
CA LEU A 74 -14.39 -12.17 5.00
C LEU A 74 -13.63 -13.30 5.73
N GLN A 75 -12.64 -13.91 5.09
CA GLN A 75 -11.85 -15.02 5.71
C GLN A 75 -10.68 -14.51 6.56
N THR A 76 -10.27 -13.25 6.41
CA THR A 76 -9.07 -12.71 7.10
C THR A 76 -9.15 -12.81 8.64
N PRO A 77 -10.31 -12.70 9.31
CA PRO A 77 -10.31 -12.92 10.77
C PRO A 77 -9.70 -14.29 11.12
N ASN A 78 -9.86 -15.32 10.28
CA ASN A 78 -9.26 -16.66 10.58
C ASN A 78 -7.75 -16.55 10.50
N ASP A 79 -7.17 -15.81 9.57
CA ASP A 79 -5.72 -15.62 9.55
C ASP A 79 -5.27 -15.04 10.91
N LEU A 80 -5.95 -13.96 11.35
CA LEU A 80 -5.55 -13.23 12.63
C LEU A 80 -5.66 -14.19 13.82
N LEU A 81 -6.76 -14.99 13.90
CA LEU A 81 -6.96 -15.91 15.01
C LEU A 81 -5.85 -16.99 15.01
N ALA A 82 -5.49 -17.52 13.86
CA ALA A 82 -4.54 -18.60 13.78
C ALA A 82 -3.14 -18.11 14.25
N ALA A 83 -2.86 -16.80 14.14
CA ALA A 83 -1.58 -16.19 14.58
C ALA A 83 -1.59 -15.74 16.05
N GLY A 84 -2.69 -15.93 16.74
CA GLY A 84 -2.77 -15.57 18.19
C GLY A 84 -3.42 -14.24 18.51
N PHE A 85 -3.95 -13.51 17.50
CA PHE A 85 -4.69 -12.25 17.80
C PHE A 85 -6.07 -12.65 18.30
N GLU A 86 -6.60 -11.87 19.23
CA GLU A 86 -7.95 -12.10 19.81
C GLU A 86 -8.99 -11.22 19.13
N GLU A 87 -10.16 -11.83 18.86
CA GLU A 87 -11.23 -11.17 18.10
C GLU A 87 -11.66 -9.83 18.73
N HIS A 88 -11.78 -9.77 20.06
CA HIS A 88 -12.28 -8.52 20.66
C HIS A 88 -11.24 -7.38 20.50
N LYS A 89 -9.94 -7.76 20.30
CA LYS A 89 -8.89 -6.74 20.04
C LYS A 89 -8.76 -6.29 18.55
N PHE A 90 -9.18 -7.13 17.60
CA PHE A 90 -9.09 -6.73 16.17
C PHE A 90 -10.42 -6.31 15.56
N ARG A 91 -11.53 -6.57 16.23
CA ARG A 91 -12.95 -6.33 15.69
C ARG A 91 -13.05 -4.90 15.14
N ASN A 92 -12.62 -3.90 15.88
CA ASN A 92 -12.90 -2.51 15.43
C ASN A 92 -12.14 -2.21 14.13
N PHE A 93 -10.95 -2.81 13.93
CA PHE A 93 -10.11 -2.56 12.79
C PHE A 93 -10.61 -3.36 11.57
N PHE A 94 -10.93 -4.66 11.77
CA PHE A 94 -11.59 -5.46 10.72
C PHE A 94 -12.90 -4.81 10.24
N ASN A 95 -13.71 -4.34 11.18
CA ASN A 95 -15.05 -3.77 10.73
C ASN A 95 -14.76 -2.52 9.89
N ALA A 96 -13.80 -1.69 10.19
CA ALA A 96 -13.50 -0.49 9.37
C ALA A 96 -13.07 -0.89 7.95
N PHE A 97 -12.23 -1.94 7.82
CA PHE A 97 -11.80 -2.36 6.46
C PHE A 97 -13.00 -2.96 5.70
N TYR A 98 -13.76 -3.85 6.31
CA TYR A 98 -14.91 -4.45 5.64
C TYR A 98 -15.86 -3.32 5.19
N SER A 99 -16.08 -2.28 5.98
CA SER A 99 -16.95 -1.16 5.64
C SER A 99 -16.46 -0.46 4.36
N VAL A 100 -15.16 -0.21 4.20
CA VAL A 100 -14.72 0.51 3.00
C VAL A 100 -14.81 -0.41 1.76
N VAL A 101 -14.65 -1.73 1.90
CA VAL A 101 -14.88 -2.67 0.81
C VAL A 101 -16.35 -2.61 0.38
N GLU A 102 -17.27 -2.65 1.32
CA GLU A 102 -18.70 -2.48 0.97
C GLU A 102 -18.98 -1.14 0.29
N LEU A 103 -18.30 -0.05 0.68
CA LEU A 103 -18.45 1.27 -0.03
C LEU A 103 -18.04 1.17 -1.50
N VAL A 104 -16.98 0.45 -1.81
CA VAL A 104 -16.55 0.21 -3.22
C VAL A 104 -17.63 -0.55 -4.00
N GLU A 105 -18.29 -1.51 -3.38
CA GLU A 105 -19.38 -2.27 -3.99
C GLU A 105 -20.64 -1.41 -4.18
N LYS A 106 -21.04 -0.63 -3.15
CA LYS A 106 -22.41 -0.02 -3.12
C LYS A 106 -22.50 1.45 -3.58
N ASP A 107 -21.51 2.25 -3.27
CA ASP A 107 -21.43 3.65 -3.65
C ASP A 107 -20.63 3.70 -4.96
N GLY A 108 -19.41 3.21 -4.94
CA GLY A 108 -18.73 3.09 -6.24
C GLY A 108 -18.01 4.32 -6.75
N SER A 109 -17.92 5.41 -5.98
CA SER A 109 -17.30 6.62 -6.52
C SER A 109 -15.90 6.89 -5.96
N VAL A 110 -15.06 7.52 -6.78
CA VAL A 110 -13.76 8.02 -6.33
C VAL A 110 -13.90 9.01 -5.17
N SER A 111 -14.89 9.90 -5.26
CA SER A 111 -14.96 10.96 -4.29
CA SER A 111 -15.01 10.96 -4.29
C SER A 111 -15.27 10.41 -2.88
N SER A 112 -16.15 9.41 -2.79
CA SER A 112 -16.50 8.80 -1.49
CA SER A 112 -16.50 8.81 -1.49
C SER A 112 -15.31 8.00 -0.91
N LEU A 113 -14.63 7.28 -1.79
CA LEU A 113 -13.42 6.47 -1.33
C LEU A 113 -12.35 7.43 -0.84
N LEU A 114 -12.09 8.54 -1.54
CA LEU A 114 -11.08 9.55 -1.11
C LEU A 114 -11.47 10.13 0.26
N LYS A 115 -12.77 10.43 0.47
CA LYS A 115 -13.25 10.99 1.75
C LYS A 115 -12.86 10.02 2.90
N VAL A 116 -13.13 8.72 2.73
CA VAL A 116 -12.82 7.76 3.84
C VAL A 116 -11.31 7.76 4.09
N PHE A 117 -10.48 7.75 3.05
CA PHE A 117 -9.01 7.64 3.28
C PHE A 117 -8.37 8.96 3.77
N ASN A 118 -9.13 10.08 3.69
CA ASN A 118 -8.73 11.37 4.26
C ASN A 118 -9.39 11.63 5.63
N ASP A 119 -10.24 10.75 6.14
CA ASP A 119 -10.84 10.85 7.48
C ASP A 119 -9.82 10.21 8.44
N GLN A 120 -9.20 10.99 9.30
CA GLN A 120 -8.07 10.49 10.10
C GLN A 120 -8.50 9.25 10.84
N SER A 121 -9.66 9.19 11.41
CA SER A 121 -10.14 8.06 12.20
C SER A 121 -10.33 6.81 11.33
N ALA A 122 -11.15 6.91 10.30
CA ALA A 122 -11.44 5.73 9.43
C ALA A 122 -10.11 5.25 8.80
N SER A 123 -9.33 6.16 8.28
CA SER A 123 -8.11 5.84 7.52
C SER A 123 -7.09 5.15 8.46
N ASP A 124 -6.89 5.66 9.67
CA ASP A 124 -5.95 5.03 10.64
C ASP A 124 -6.51 3.72 11.11
N HIS A 125 -7.78 3.45 11.24
CA HIS A 125 -8.32 2.15 11.58
C HIS A 125 -7.98 1.15 10.45
N ILE A 126 -8.14 1.58 9.17
CA ILE A 126 -7.83 0.80 7.99
C ILE A 126 -6.34 0.43 7.99
N VAL A 127 -5.47 1.38 8.17
CA VAL A 127 -4.00 1.10 8.23
C VAL A 127 -3.70 0.11 9.39
N GLN A 128 -4.27 0.26 10.58
CA GLN A 128 -3.95 -0.64 11.68
C GLN A 128 -4.39 -2.06 11.30
N PHE A 129 -5.57 -2.23 10.68
CA PHE A 129 -6.03 -3.55 10.21
C PHE A 129 -4.99 -4.15 9.26
N LEU A 130 -4.53 -3.39 8.28
CA LEU A 130 -3.57 -3.90 7.31
C LEU A 130 -2.24 -4.30 8.00
N ARG A 131 -1.82 -3.56 8.97
CA ARG A 131 -0.60 -3.93 9.73
C ARG A 131 -0.86 -5.22 10.50
N LEU A 132 -1.98 -5.44 11.18
CA LEU A 132 -2.23 -6.71 11.90
C LEU A 132 -2.28 -7.88 10.95
N LEU A 133 -2.88 -7.74 9.77
CA LEU A 133 -2.98 -8.84 8.79
C LEU A 133 -1.60 -9.13 8.22
N THR A 134 -0.77 -8.16 7.91
CA THR A 134 0.64 -8.38 7.52
C THR A 134 1.37 -9.23 8.59
N SER A 135 1.29 -8.81 9.84
CA SER A 135 1.91 -9.57 10.94
C SER A 135 1.38 -10.99 10.96
N ALA A 136 0.06 -11.21 10.94
CA ALA A 136 -0.47 -12.52 11.03
C ALA A 136 0.05 -13.38 9.89
N PHE A 137 0.04 -12.86 8.65
CA PHE A 137 0.45 -13.64 7.45
C PHE A 137 1.93 -14.09 7.57
N ILE A 138 2.81 -13.22 8.07
CA ILE A 138 4.25 -13.54 8.33
C ILE A 138 4.36 -14.59 9.45
N ARG A 139 3.68 -14.43 10.58
CA ARG A 139 3.76 -15.35 11.74
C ARG A 139 3.33 -16.74 11.33
N ASN A 140 2.31 -16.87 10.48
CA ASN A 140 1.71 -18.17 10.10
C ASN A 140 2.58 -18.89 9.06
N ARG A 141 3.53 -18.17 8.48
CA ARG A 141 4.49 -18.72 7.45
C ARG A 141 5.95 -18.39 7.84
N ALA A 142 6.30 -18.52 9.12
CA ALA A 142 7.61 -18.07 9.60
C ALA A 142 8.76 -18.79 8.87
N ASP A 143 8.60 -20.08 8.56
CA ASP A 143 9.68 -20.90 7.92
C ASP A 143 9.99 -20.32 6.52
N PHE A 144 8.94 -19.86 5.80
CA PHE A 144 9.03 -19.20 4.42
C PHE A 144 9.67 -17.80 4.45
N PHE A 145 9.33 -17.00 5.47
CA PHE A 145 9.74 -15.54 5.53
C PHE A 145 11.06 -15.26 6.26
N ARG A 146 11.69 -16.29 6.84
CA ARG A 146 12.92 -16.21 7.64
C ARG A 146 14.04 -15.41 6.96
N HIS A 147 13.95 -15.39 5.62
CA HIS A 147 15.09 -15.22 4.72
C HIS A 147 15.21 -13.77 4.32
N PHE A 148 14.14 -12.99 4.52
CA PHE A 148 14.20 -11.53 4.32
C PHE A 148 14.88 -10.78 5.51
N ILE A 149 15.03 -11.45 6.68
CA ILE A 149 15.27 -10.83 8.02
C ILE A 149 16.62 -11.36 8.62
N GLU A 152 15.59 -7.63 13.60
CA GLU A 152 15.20 -8.69 14.56
C GLU A 152 15.68 -10.03 14.00
N MET A 153 16.42 -10.85 14.73
CA MET A 153 16.66 -12.19 14.27
C MET A 153 15.29 -12.94 14.31
N ASP A 154 14.56 -12.87 15.44
CA ASP A 154 13.37 -13.63 15.53
C ASP A 154 12.28 -12.99 14.60
N ILE A 155 11.59 -13.84 13.86
CA ILE A 155 10.33 -13.47 13.12
C ILE A 155 9.37 -12.78 14.08
N LYS A 156 9.21 -13.33 15.27
CA LYS A 156 8.20 -12.82 16.23
C LYS A 156 8.53 -11.40 16.71
N ASP A 157 9.81 -11.18 17.04
CA ASP A 157 10.32 -9.88 17.46
C ASP A 157 10.18 -8.86 16.31
N PHE A 158 10.51 -9.26 15.11
CA PHE A 158 10.41 -8.40 13.95
C PHE A 158 8.93 -7.95 13.76
N CYS A 159 7.96 -8.84 13.88
CA CYS A 159 6.55 -8.43 13.66
C CYS A 159 6.13 -7.50 14.78
N THR A 160 6.53 -7.77 16.03
CA THR A 160 6.19 -6.97 17.19
C THR A 160 6.70 -5.53 17.05
N HIS A 161 7.91 -5.36 16.50
CA HIS A 161 8.58 -4.05 16.54
C HIS A 161 8.39 -3.24 15.24
N GLU A 162 8.36 -3.95 14.09
CA GLU A 162 8.53 -3.33 12.75
C GLU A 162 7.29 -3.53 11.86
N VAL A 163 6.23 -4.18 12.34
CA VAL A 163 4.98 -4.40 11.47
C VAL A 163 3.74 -3.85 12.20
N GLU A 164 3.47 -4.32 13.43
CA GLU A 164 2.28 -4.01 14.16
C GLU A 164 2.15 -2.54 14.58
N PRO A 165 3.22 -1.87 15.10
CA PRO A 165 3.04 -0.50 15.55
C PRO A 165 2.77 0.49 14.41
N MET A 166 1.85 1.42 14.66
CA MET A 166 1.64 2.54 13.71
C MET A 166 2.97 3.28 13.52
N ALA A 167 3.17 3.90 12.37
CA ALA A 167 4.26 4.75 12.00
C ALA A 167 5.56 3.98 11.74
N THR A 168 5.59 2.63 11.77
CA THR A 168 6.81 1.89 11.50
C THR A 168 6.93 1.70 9.98
N GLU A 169 8.13 1.97 9.44
CA GLU A 169 8.40 1.87 7.98
C GLU A 169 8.54 0.41 7.55
N CYS A 170 8.36 0.20 6.27
CA CYS A 170 8.29 -1.08 5.57
CA CYS A 170 8.45 -1.18 5.85
C CYS A 170 9.65 -1.35 4.92
N ASP A 171 9.82 -2.58 4.51
CA ASP A 171 10.88 -3.08 3.65
C ASP A 171 10.26 -4.13 2.72
N HIS A 172 11.10 -4.87 1.97
CA HIS A 172 10.57 -5.89 1.03
C HIS A 172 9.70 -6.95 1.76
N ILE A 173 10.04 -7.36 3.01
CA ILE A 173 9.25 -8.41 3.68
C ILE A 173 7.79 -7.95 3.85
N GLN A 174 7.55 -6.75 4.39
CA GLN A 174 6.16 -6.30 4.58
C GLN A 174 5.39 -6.16 3.24
N ILE A 175 6.07 -5.67 2.20
CA ILE A 175 5.45 -5.53 0.89
C ILE A 175 5.02 -6.87 0.34
N THR A 176 5.98 -7.84 0.38
CA THR A 176 5.68 -9.17 -0.13
C THR A 176 4.51 -9.81 0.64
N ALA A 177 4.55 -9.73 1.99
CA ALA A 177 3.54 -10.37 2.86
C ALA A 177 2.14 -9.80 2.59
N LEU A 178 2.01 -8.46 2.58
CA LEU A 178 0.63 -7.85 2.37
C LEU A 178 0.12 -8.14 0.93
N SER A 179 1.02 -8.05 -0.04
CA SER A 179 0.71 -8.47 -1.44
C SER A 179 0.13 -9.92 -1.45
N GLN A 180 0.85 -10.87 -0.83
CA GLN A 180 0.39 -12.24 -0.77
C GLN A 180 -0.90 -12.39 0.05
N ALA A 181 -1.03 -11.67 1.17
CA ALA A 181 -2.21 -11.83 2.04
C ALA A 181 -3.54 -11.37 1.41
N LEU A 182 -3.43 -10.44 0.49
CA LEU A 182 -4.65 -9.89 -0.15
C LEU A 182 -4.66 -10.18 -1.68
N SER A 183 -3.73 -10.94 -2.21
CA SER A 183 -3.60 -11.21 -3.65
C SER A 183 -3.55 -9.94 -4.47
N ILE A 184 -2.87 -8.91 -3.98
CA ILE A 184 -2.67 -7.60 -4.71
C ILE A 184 -1.32 -7.64 -5.44
N ALA A 185 -1.35 -7.51 -6.77
CA ALA A 185 -0.13 -7.44 -7.59
C ALA A 185 0.25 -5.97 -7.70
N LEU A 186 1.50 -5.62 -7.36
CA LEU A 186 1.92 -4.20 -7.37
C LEU A 186 3.31 -4.04 -7.95
N GLN A 187 3.62 -2.90 -8.52
CA GLN A 187 4.92 -2.54 -9.07
C GLN A 187 5.41 -1.29 -8.35
N VAL A 188 6.66 -1.34 -7.86
CA VAL A 188 7.36 -0.26 -7.20
C VAL A 188 8.45 0.31 -8.08
N GLU A 189 8.38 1.61 -8.45
CA GLU A 189 9.42 2.35 -9.18
C GLU A 189 10.36 3.00 -8.17
N TYR A 190 11.67 2.86 -8.38
CA TYR A 190 12.70 3.36 -7.44
C TYR A 190 13.42 4.56 -8.05
N VAL A 191 13.34 5.72 -7.35
CA VAL A 191 14.04 6.93 -7.74
C VAL A 191 14.96 7.38 -6.61
N ASP A 192 16.24 6.95 -6.65
CA ASP A 192 17.26 7.35 -5.69
C ASP A 192 18.17 8.42 -6.31
N GLU A 193 19.13 8.90 -5.52
CA GLU A 193 20.04 10.01 -5.91
C GLU A 193 21.32 9.53 -6.63
N MET A 194 21.43 8.24 -6.99
CA MET A 194 22.64 7.75 -7.62
CA MET A 194 22.63 7.70 -7.62
C MET A 194 22.46 7.79 -9.14
N ASP A 195 23.55 7.88 -9.88
CA ASP A 195 23.49 8.05 -11.36
C ASP A 195 23.36 6.69 -12.05
N THR A 196 22.17 6.12 -11.90
CA THR A 196 21.85 4.72 -12.24
C THR A 196 20.57 4.72 -13.08
N ALA A 197 20.23 3.54 -13.63
CA ALA A 197 18.98 3.42 -14.37
C ALA A 197 17.79 3.58 -13.40
N LEU A 198 16.76 4.32 -13.86
CA LEU A 198 15.38 4.19 -13.32
C LEU A 198 15.01 2.72 -13.42
N ASN A 199 14.45 2.14 -12.37
CA ASN A 199 14.22 0.69 -12.32
C ASN A 199 13.00 0.35 -11.46
N HIS A 200 12.48 -0.88 -11.56
CA HIS A 200 11.24 -1.27 -10.78
C HIS A 200 11.32 -2.74 -10.38
N HIS A 201 10.46 -3.14 -9.43
CA HIS A 201 10.26 -4.53 -8.98
C HIS A 201 8.75 -4.80 -9.04
N VAL A 202 8.36 -6.01 -9.49
CA VAL A 202 6.96 -6.48 -9.43
C VAL A 202 6.79 -7.51 -8.35
N PHE A 203 5.71 -7.39 -7.56
CA PHE A 203 5.36 -8.29 -6.48
C PHE A 203 3.98 -8.86 -6.81
N PRO A 204 3.86 -10.15 -7.16
CA PRO A 204 4.94 -11.12 -7.35
C PRO A 204 5.49 -10.99 -8.80
N GLU A 205 6.61 -11.70 -9.08
CA GLU A 205 7.54 -11.40 -10.23
C GLU A 205 6.79 -11.51 -11.57
N ALA A 206 5.90 -12.48 -11.68
CA ALA A 206 5.30 -12.82 -12.98
C ALA A 206 4.01 -12.04 -13.28
N ALA A 207 3.51 -11.17 -12.38
CA ALA A 207 2.15 -10.68 -12.35
C ALA A 207 1.99 -9.42 -13.22
N THR A 208 0.72 -9.15 -13.55
CA THR A 208 0.27 -7.91 -14.17
C THR A 208 -0.19 -7.01 -13.02
N PRO A 209 0.49 -5.89 -12.73
CA PRO A 209 0.13 -5.13 -11.57
C PRO A 209 -1.22 -4.41 -11.66
N SER A 210 -1.91 -4.29 -10.51
CA SER A 210 -3.07 -3.43 -10.26
CA SER A 210 -3.04 -3.40 -10.42
C SER A 210 -2.62 -2.02 -9.87
N VAL A 211 -1.58 -1.95 -9.05
CA VAL A 211 -1.13 -0.77 -8.34
C VAL A 211 0.31 -0.45 -8.77
N TYR A 212 0.64 0.84 -8.95
CA TYR A 212 1.99 1.34 -9.23
C TYR A 212 2.33 2.38 -8.18
N LEU A 213 3.45 2.21 -7.47
CA LEU A 213 3.95 3.17 -6.46
C LEU A 213 5.31 3.72 -6.88
N LEU A 214 5.59 4.95 -6.43
CA LEU A 214 6.88 5.63 -6.55
C LEU A 214 7.55 5.67 -5.17
N TYR A 215 8.77 5.07 -5.04
CA TYR A 215 9.54 5.13 -3.78
C TYR A 215 10.72 6.07 -3.96
N LYS A 216 10.73 7.18 -3.18
CA LYS A 216 11.75 8.24 -3.25
C LYS A 216 11.83 8.88 -1.86
N THR A 217 13.04 9.17 -1.36
CA THR A 217 13.21 9.82 -0.02
C THR A 217 12.45 9.03 1.08
N SER A 218 12.58 7.69 1.10
CA SER A 218 11.89 6.74 2.10
C SER A 218 10.34 6.89 2.13
N HIS A 219 9.76 7.18 0.99
CA HIS A 219 8.33 7.63 0.94
C HIS A 219 7.65 7.04 -0.32
N TYR A 220 6.38 6.58 -0.20
CA TYR A 220 5.62 5.98 -1.30
C TYR A 220 4.47 6.91 -1.72
N ASN A 221 4.46 7.28 -3.01
CA ASN A 221 3.35 8.01 -3.71
C ASN A 221 2.73 7.08 -4.75
N ILE A 222 1.51 7.42 -5.20
CA ILE A 222 0.74 6.56 -6.10
C ILE A 222 0.94 7.04 -7.56
N LEU A 223 1.26 6.13 -8.49
CA LEU A 223 1.38 6.46 -9.92
C LEU A 223 0.20 5.92 -10.72
N TYR A 224 -0.08 6.62 -11.86
CA TYR A 224 -1.09 6.24 -12.83
C TYR A 224 -0.43 6.06 -14.18
N ALA A 225 -0.65 4.89 -14.76
CA ALA A 225 0.05 4.51 -16.02
C ALA A 225 -0.61 5.31 -17.14
#